data_1CTE
#
_entry.id   1CTE
#
_cell.length_a   47.070
_cell.length_b   90.190
_cell.length_c   62.210
_cell.angle_alpha   90.00
_cell.angle_beta   97.43
_cell.angle_gamma   90.00
#
_symmetry.space_group_name_H-M   'P 1 21 1'
#
loop_
_entity.id
_entity.type
_entity.pdbx_description
1 polymer 'CATHEPSIN B'
2 non-polymer 2-PYRIDINETHIOL
3 water water
#
_entity_poly.entity_id   1
_entity_poly.type   'polypeptide(L)'
_entity_poly.pdbx_seq_one_letter_code
;LPESFDAREQWSNCPTIAQIRDQGSCGSCWAFGAVEAMSDRICIHTNGRVNVEVSAEDLLTCCGIQCGDGCNGGYPSGAW
NFWTRKGLVSGGVYNSHIGCLPYTIPPCEHHVNGARPPCTGEGDTPKCNKMCEAGYSTSYKEDKHYGYTSYSVSDSEKEI
MAEIYKNGPVEGAFTVFSDFLTYKSGVYKHEAGDVMGGHAIRILGWGIENGVPYWLVANSWNADWGDNGFFKILRGENHC
GIESEIVAGIPRTQ
;
_entity_poly.pdbx_strand_id   A,B
#
loop_
_chem_comp.id
_chem_comp.type
_chem_comp.name
_chem_comp.formula
PYS non-polymer 2-PYRIDINETHIOL 'C5 H5 N S'
#
# COMPACT_ATOMS: atom_id res chain seq x y z
N LEU A 1 -22.60 3.11 -13.59
CA LEU A 1 -21.64 4.28 -13.51
C LEU A 1 -21.33 4.89 -14.89
N PRO A 2 -21.27 6.22 -14.99
CA PRO A 2 -20.99 6.86 -16.29
C PRO A 2 -19.65 6.42 -16.90
N GLU A 3 -19.56 6.43 -18.22
CA GLU A 3 -18.32 6.18 -18.96
C GLU A 3 -17.17 7.06 -18.47
N SER A 4 -17.52 8.28 -18.10
CA SER A 4 -16.54 9.18 -17.56
C SER A 4 -17.15 10.08 -16.50
N PHE A 5 -16.30 10.50 -15.59
CA PHE A 5 -16.74 11.32 -14.49
C PHE A 5 -15.58 12.20 -14.00
N ASP A 6 -15.88 13.49 -13.85
CA ASP A 6 -14.94 14.47 -13.33
C ASP A 6 -15.55 15.14 -12.09
N ALA A 7 -14.85 15.05 -10.97
CA ALA A 7 -15.35 15.56 -9.71
C ALA A 7 -15.51 17.08 -9.75
N ARG A 8 -14.68 17.70 -10.58
CA ARG A 8 -14.66 19.15 -10.81
C ARG A 8 -15.94 19.63 -11.48
N GLU A 9 -16.40 18.86 -12.47
CA GLU A 9 -17.64 19.16 -13.14
C GLU A 9 -18.87 18.80 -12.33
N GLN A 10 -18.70 17.93 -11.37
CA GLN A 10 -19.83 17.35 -10.72
C GLN A 10 -20.11 18.19 -9.49
N TRP A 11 -19.04 18.65 -8.85
CA TRP A 11 -19.16 19.52 -7.68
C TRP A 11 -18.39 20.81 -7.94
N SER A 12 -18.83 21.52 -8.99
CA SER A 12 -18.20 22.76 -9.46
C SER A 12 -18.26 23.97 -8.52
N ASN A 13 -19.27 24.03 -7.68
CA ASN A 13 -19.25 24.92 -6.54
C ASN A 13 -18.07 24.71 -5.56
N CYS A 14 -17.37 23.58 -5.65
CA CYS A 14 -16.27 23.28 -4.72
C CYS A 14 -14.86 23.44 -5.36
N PRO A 15 -14.16 24.53 -5.02
CA PRO A 15 -13.07 24.83 -5.96
C PRO A 15 -11.76 24.18 -5.62
N THR A 16 -11.60 23.71 -4.38
CA THR A 16 -10.41 22.94 -4.05
C THR A 16 -10.17 21.78 -5.06
N ILE A 17 -11.27 21.12 -5.49
CA ILE A 17 -11.27 20.01 -6.45
C ILE A 17 -10.39 20.24 -7.69
N ALA A 18 -10.49 21.44 -8.25
CA ALA A 18 -9.72 21.82 -9.43
C ALA A 18 -8.34 22.39 -9.04
N GLN A 19 -8.09 22.49 -7.75
CA GLN A 19 -6.87 23.20 -7.35
C GLN A 19 -5.67 22.26 -7.38
N ILE A 20 -4.53 22.76 -7.87
CA ILE A 20 -3.29 21.99 -7.83
C ILE A 20 -2.37 22.64 -6.79
N ARG A 21 -1.82 21.86 -5.86
CA ARG A 21 -0.79 22.44 -5.00
C ARG A 21 0.67 22.06 -5.38
N ASP A 22 1.60 22.57 -4.59
CA ASP A 22 3.01 22.27 -4.71
C ASP A 22 3.59 21.91 -3.32
N GLN A 23 4.01 20.67 -3.15
CA GLN A 23 4.66 20.22 -1.93
C GLN A 23 6.09 20.77 -1.72
N GLY A 24 6.68 21.37 -2.76
CA GLY A 24 8.01 21.93 -2.61
C GLY A 24 9.08 20.85 -2.45
N SER A 25 10.20 21.19 -1.82
CA SER A 25 11.30 20.26 -1.52
C SER A 25 11.06 19.46 -0.22
N CYS A 26 9.99 18.68 -0.24
CA CYS A 26 9.55 17.89 0.91
C CYS A 26 8.73 16.74 0.34
N GLY A 27 9.21 15.52 0.57
CA GLY A 27 8.47 14.33 0.15
C GLY A 27 7.25 14.07 1.01
N SER A 28 6.20 14.84 0.78
CA SER A 28 5.06 14.82 1.68
C SER A 28 3.82 14.60 0.83
N CYS A 29 4.04 13.94 -0.31
CA CYS A 29 2.99 13.39 -1.18
C CYS A 29 1.83 12.84 -0.36
N TRP A 30 2.22 12.06 0.64
CA TRP A 30 1.26 11.32 1.43
C TRP A 30 0.30 12.31 2.05
N ALA A 31 0.88 13.43 2.55
CA ALA A 31 0.12 14.55 3.15
C ALA A 31 -0.77 15.32 2.18
N PHE A 32 -0.24 15.61 1.01
CA PHE A 32 -1.00 16.37 0.00
C PHE A 32 -2.19 15.64 -0.56
N GLY A 33 -1.96 14.40 -1.03
CA GLY A 33 -3.04 13.61 -1.61
C GLY A 33 -4.17 13.42 -0.62
N ALA A 34 -3.82 13.46 0.65
CA ALA A 34 -4.82 13.41 1.74
C ALA A 34 -5.57 14.71 1.88
N VAL A 35 -4.84 15.78 2.17
CA VAL A 35 -5.47 17.05 2.51
C VAL A 35 -6.17 17.71 1.35
N GLU A 36 -5.71 17.44 0.13
CA GLU A 36 -6.49 17.75 -1.06
C GLU A 36 -7.83 17.06 -1.12
N ALA A 37 -7.85 15.75 -0.92
CA ALA A 37 -9.10 14.99 -0.98
C ALA A 37 -10.06 15.25 0.21
N MET A 38 -9.51 15.50 1.41
CA MET A 38 -10.35 15.91 2.54
C MET A 38 -10.99 17.28 2.27
N SER A 39 -10.23 18.23 1.71
CA SER A 39 -10.80 19.55 1.35
C SER A 39 -11.99 19.39 0.44
N ASP A 40 -11.77 18.74 -0.70
CA ASP A 40 -12.90 18.35 -1.55
C ASP A 40 -14.05 17.77 -0.79
N ARG A 41 -13.78 16.80 0.08
CA ARG A 41 -14.85 16.00 0.71
C ARG A 41 -15.61 16.74 1.80
N ILE A 42 -14.94 17.58 2.60
CA ILE A 42 -15.63 18.61 3.45
C ILE A 42 -16.58 19.50 2.64
N CYS A 43 -16.07 20.05 1.55
CA CYS A 43 -16.93 20.82 0.66
C CYS A 43 -18.10 20.02 0.07
N ILE A 44 -17.85 18.79 -0.39
CA ILE A 44 -18.91 17.93 -0.97
C ILE A 44 -19.99 17.47 0.04
N HIS A 45 -19.51 17.04 1.20
CA HIS A 45 -20.33 16.61 2.34
C HIS A 45 -21.31 17.69 2.81
N THR A 46 -20.87 18.95 2.81
CA THR A 46 -21.71 20.06 3.30
C THR A 46 -22.50 20.78 2.21
N ASN A 47 -22.56 20.21 1.01
CA ASN A 47 -23.16 20.88 -0.15
C ASN A 47 -22.54 22.23 -0.49
N GLY A 48 -21.36 22.50 0.05
CA GLY A 48 -20.54 23.63 -0.37
C GLY A 48 -20.54 24.70 0.68
N ARG A 49 -21.47 24.61 1.61
CA ARG A 49 -21.50 25.49 2.77
C ARG A 49 -20.15 25.64 3.45
N VAL A 50 -19.45 24.54 3.73
CA VAL A 50 -18.06 24.67 4.19
C VAL A 50 -17.03 24.43 3.11
N ASN A 51 -16.24 25.47 2.87
CA ASN A 51 -15.27 25.45 1.81
C ASN A 51 -13.91 25.94 2.33
N VAL A 52 -13.11 24.98 2.80
CA VAL A 52 -11.80 25.29 3.35
C VAL A 52 -10.67 24.60 2.59
N GLU A 53 -9.48 25.11 2.75
CA GLU A 53 -8.29 24.38 2.34
C GLU A 53 -7.69 23.72 3.57
N VAL A 54 -7.82 22.39 3.68
CA VAL A 54 -7.24 21.69 4.81
C VAL A 54 -5.74 21.79 4.70
N SER A 55 -5.12 22.01 5.85
CA SER A 55 -3.73 22.34 5.88
C SER A 55 -2.86 21.14 5.69
N ALA A 56 -1.97 21.26 4.71
CA ALA A 56 -0.96 20.26 4.49
C ALA A 56 0.15 20.43 5.51
N GLU A 57 0.33 21.65 5.98
CA GLU A 57 1.30 21.90 7.03
C GLU A 57 0.95 21.20 8.35
N ASP A 58 -0.30 21.29 8.82
CA ASP A 58 -0.71 20.58 10.04
C ASP A 58 -0.45 19.06 10.05
N LEU A 59 -0.80 18.41 8.95
CA LEU A 59 -0.76 16.96 8.86
C LEU A 59 0.68 16.48 8.80
N LEU A 60 1.42 17.13 7.92
CA LEU A 60 2.86 16.93 7.79
C LEU A 60 3.66 17.13 9.05
N THR A 61 3.32 18.11 9.87
CA THR A 61 4.18 18.40 11.01
C THR A 61 3.70 17.74 12.27
N CYS A 62 2.39 17.62 12.42
CA CYS A 62 1.82 17.22 13.70
C CYS A 62 1.36 15.78 13.83
N CYS A 63 1.46 14.97 12.77
CA CYS A 63 0.92 13.61 12.81
C CYS A 63 1.77 12.71 13.67
N GLY A 64 3.07 12.76 13.43
CA GLY A 64 3.98 11.91 14.18
C GLY A 64 4.26 10.57 13.53
N ILE A 65 4.51 9.57 14.36
CA ILE A 65 5.12 8.34 13.90
C ILE A 65 4.16 7.52 13.04
N GLN A 66 2.88 7.65 13.36
CA GLN A 66 1.83 6.90 12.70
C GLN A 66 1.64 7.20 11.21
N CYS A 67 2.21 8.31 10.75
CA CYS A 67 2.07 8.77 9.34
C CYS A 67 3.38 8.49 8.63
N GLY A 68 4.40 8.18 9.41
CA GLY A 68 5.65 7.80 8.82
C GLY A 68 6.73 8.76 9.18
N ASP A 69 7.48 9.19 8.17
CA ASP A 69 8.49 10.17 8.49
C ASP A 69 8.55 11.45 7.67
N GLY A 70 7.48 12.24 7.78
CA GLY A 70 7.57 13.64 7.41
C GLY A 70 7.99 13.86 5.96
N CYS A 71 9.02 14.67 5.75
CA CYS A 71 9.43 15.03 4.39
C CYS A 71 10.17 13.91 3.71
N ASN A 72 10.32 12.77 4.41
CA ASN A 72 11.05 11.59 3.90
C ASN A 72 10.14 10.48 3.45
N GLY A 73 8.85 10.77 3.42
CA GLY A 73 7.86 9.79 3.03
C GLY A 73 6.93 9.45 4.18
N GLY A 74 5.79 8.88 3.86
CA GLY A 74 4.83 8.54 4.91
C GLY A 74 3.69 7.75 4.35
N TYR A 75 2.72 7.42 5.21
CA TYR A 75 1.67 6.47 4.84
C TYR A 75 0.32 7.13 4.83
N PRO A 76 -0.36 7.10 3.69
CA PRO A 76 -1.65 7.74 3.47
C PRO A 76 -2.68 7.40 4.50
N SER A 77 -2.74 6.13 4.87
CA SER A 77 -3.78 5.69 5.75
C SER A 77 -3.55 6.18 7.16
N GLY A 78 -2.29 6.43 7.54
CA GLY A 78 -2.08 7.07 8.83
C GLY A 78 -2.65 8.50 8.86
N ALA A 79 -2.48 9.21 7.75
CA ALA A 79 -3.05 10.56 7.54
C ALA A 79 -4.53 10.56 7.85
N TRP A 80 -5.30 9.75 7.14
CA TRP A 80 -6.74 9.74 7.34
C TRP A 80 -7.13 9.25 8.70
N ASN A 81 -6.29 8.45 9.34
CA ASN A 81 -6.57 7.97 10.71
C ASN A 81 -6.46 9.17 11.64
N PHE A 82 -5.31 9.84 11.57
CA PHE A 82 -5.09 11.04 12.37
C PHE A 82 -6.22 12.09 12.21
N TRP A 83 -6.55 12.40 10.97
CA TRP A 83 -7.70 13.23 10.69
C TRP A 83 -8.97 12.88 11.49
N THR A 84 -9.33 11.60 11.59
CA THR A 84 -10.55 11.22 12.34
C THR A 84 -10.35 11.38 13.85
N ARG A 85 -9.09 11.33 14.28
CA ARG A 85 -8.79 11.30 15.69
C ARG A 85 -8.41 12.65 16.28
N LYS A 86 -7.43 13.30 15.64
CA LYS A 86 -7.00 14.64 16.03
C LYS A 86 -7.59 15.79 15.19
N GLY A 87 -8.15 15.50 14.02
CA GLY A 87 -8.57 16.55 13.11
C GLY A 87 -7.44 17.34 12.42
N LEU A 88 -7.79 18.14 11.41
CA LEU A 88 -6.82 18.97 10.68
C LEU A 88 -7.34 20.42 10.50
N VAL A 89 -6.44 21.40 10.63
CA VAL A 89 -6.89 22.79 10.50
C VAL A 89 -6.82 23.31 9.07
N SER A 90 -7.41 24.49 8.89
CA SER A 90 -7.31 25.24 7.65
C SER A 90 -5.85 25.66 7.42
N GLY A 91 -5.46 25.78 6.16
CA GLY A 91 -4.17 26.38 5.83
C GLY A 91 -4.02 26.52 4.32
N GLY A 92 -3.88 27.75 3.83
CA GLY A 92 -3.80 27.97 2.40
C GLY A 92 -2.46 27.54 1.80
N VAL A 93 -2.18 27.96 0.58
CA VAL A 93 -0.86 27.76 0.00
C VAL A 93 0.21 28.68 0.63
N TYR A 94 1.45 28.52 0.18
CA TYR A 94 2.54 29.33 0.67
C TYR A 94 2.23 30.83 0.43
N ASN A 95 2.53 31.67 1.42
CA ASN A 95 2.24 33.12 1.42
C ASN A 95 0.76 33.53 1.16
N SER A 96 -0.16 32.56 1.16
CA SER A 96 -1.57 32.84 0.92
C SER A 96 -2.14 33.71 2.02
N HIS A 97 -1.54 33.57 3.19
CA HIS A 97 -2.17 33.97 4.44
C HIS A 97 -3.65 33.67 4.55
N ILE A 98 -4.10 32.54 3.96
CA ILE A 98 -5.44 32.02 4.21
C ILE A 98 -5.46 30.93 5.30
N GLY A 99 -6.49 30.93 6.14
CA GLY A 99 -6.62 29.90 7.15
C GLY A 99 -5.59 29.87 8.27
N CYS A 100 -5.70 28.85 9.14
CA CYS A 100 -4.85 28.72 10.35
C CYS A 100 -3.36 28.53 10.13
N LEU A 101 -3.01 27.59 9.25
CA LEU A 101 -1.61 27.23 8.99
C LEU A 101 -1.40 26.94 7.51
N PRO A 102 -1.26 27.97 6.71
CA PRO A 102 -0.75 27.78 5.36
C PRO A 102 0.61 27.03 5.31
N TYR A 103 1.01 26.63 4.11
CA TYR A 103 2.20 25.86 3.92
C TYR A 103 3.45 26.75 3.90
N THR A 104 4.44 26.34 4.67
CA THR A 104 5.64 27.14 4.88
C THR A 104 6.80 26.70 3.99
N ILE A 105 6.52 25.84 3.01
CA ILE A 105 7.58 25.42 2.11
C ILE A 105 7.30 25.81 0.66
N PRO A 106 8.27 26.47 0.04
CA PRO A 106 7.92 27.23 -1.16
C PRO A 106 7.91 26.37 -2.39
N PRO A 107 7.21 26.85 -3.44
CA PRO A 107 7.09 26.18 -4.72
C PRO A 107 8.43 26.09 -5.43
N CYS A 108 8.54 25.12 -6.30
CA CYS A 108 9.79 24.87 -6.99
C CYS A 108 9.54 23.97 -8.18
N GLU A 109 10.54 23.86 -9.05
CA GLU A 109 10.39 23.15 -10.33
C GLU A 109 10.69 21.65 -10.24
N HIS A 110 9.65 20.84 -10.32
CA HIS A 110 9.79 19.38 -10.24
C HIS A 110 9.97 18.75 -11.61
N HIS A 111 11.22 18.61 -12.07
CA HIS A 111 11.56 17.92 -13.34
C HIS A 111 11.02 18.64 -14.56
N VAL A 112 11.04 19.97 -14.49
CA VAL A 112 10.64 20.82 -15.61
C VAL A 112 11.45 22.12 -15.63
N ASN A 113 11.79 22.57 -16.83
CA ASN A 113 12.56 23.80 -17.05
C ASN A 113 11.63 25.05 -16.98
N GLY A 114 11.42 25.56 -15.78
CA GLY A 114 10.67 26.78 -15.62
C GLY A 114 11.50 27.79 -14.84
N ALA A 115 10.80 28.73 -14.22
CA ALA A 115 11.46 29.88 -13.66
C ALA A 115 11.63 29.85 -12.15
N ARG A 116 10.84 29.01 -11.46
CA ARG A 116 11.08 28.85 -10.01
C ARG A 116 12.35 28.08 -9.79
N PRO A 117 12.98 28.21 -8.64
CA PRO A 117 14.17 27.46 -8.35
C PRO A 117 13.88 26.00 -8.33
N PRO A 118 14.82 25.18 -8.84
CA PRO A 118 14.71 23.77 -8.77
C PRO A 118 14.65 23.37 -7.37
N CYS A 119 13.93 22.36 -7.30
CA CYS A 119 13.63 21.79 -6.10
C CYS A 119 14.81 21.06 -5.49
N THR A 120 14.94 21.25 -4.19
CA THR A 120 16.25 21.10 -3.48
C THR A 120 16.31 19.76 -2.74
N GLY A 121 16.54 18.69 -3.50
CA GLY A 121 16.38 17.35 -2.96
C GLY A 121 15.10 17.25 -2.14
N GLU A 122 15.17 16.45 -1.08
CA GLU A 122 14.20 16.48 0.00
C GLU A 122 14.63 17.41 1.13
N GLY A 123 13.72 17.71 2.06
CA GLY A 123 13.96 18.78 3.01
C GLY A 123 14.08 18.25 4.43
N ASP A 124 13.57 19.02 5.39
CA ASP A 124 13.57 18.60 6.78
C ASP A 124 12.20 18.98 7.30
N THR A 125 11.50 17.98 7.79
CA THR A 125 10.21 18.21 8.37
C THR A 125 10.34 19.32 9.41
N PRO A 126 9.44 20.30 9.34
CA PRO A 126 9.24 21.30 10.38
C PRO A 126 8.77 20.71 11.73
N LYS A 127 8.91 21.49 12.80
CA LYS A 127 8.34 21.13 14.09
C LYS A 127 6.82 21.38 14.17
N CYS A 128 6.15 20.74 15.12
CA CYS A 128 4.72 20.92 15.26
C CYS A 128 4.44 22.00 16.30
N ASN A 129 4.15 23.18 15.78
CA ASN A 129 3.62 24.28 16.59
C ASN A 129 2.09 24.22 16.50
N LYS A 130 1.46 24.00 17.64
CA LYS A 130 0.02 23.95 17.66
C LYS A 130 -0.53 25.37 17.85
N MET A 131 -0.17 26.23 16.92
CA MET A 131 -0.56 27.64 16.94
C MET A 131 -0.75 28.10 15.51
N CYS A 132 -1.84 28.82 15.26
CA CYS A 132 -2.15 29.38 13.94
C CYS A 132 -1.24 30.55 13.57
N GLU A 133 -1.30 31.01 12.32
CA GLU A 133 -0.52 32.23 11.92
C GLU A 133 -1.15 33.53 12.50
N ALA A 134 -0.27 34.31 13.13
CA ALA A 134 -0.61 35.62 13.74
C ALA A 134 -1.42 36.47 12.78
N GLY A 135 -2.65 36.70 13.18
CA GLY A 135 -3.61 37.33 12.30
C GLY A 135 -4.87 36.52 12.08
N TYR A 136 -4.81 35.23 12.41
CA TYR A 136 -5.92 34.30 12.26
C TYR A 136 -6.98 34.45 13.37
N SER A 137 -8.24 34.61 12.93
CA SER A 137 -9.44 34.67 13.77
C SER A 137 -9.53 33.66 14.93
N THR A 138 -9.42 32.38 14.62
CA THR A 138 -9.64 31.35 15.64
C THR A 138 -8.35 30.72 16.18
N SER A 139 -8.48 30.03 17.31
CA SER A 139 -7.43 29.17 17.80
C SER A 139 -7.28 27.92 16.92
N TYR A 140 -6.03 27.36 16.91
CA TYR A 140 -5.69 26.01 16.33
C TYR A 140 -6.80 25.01 16.61
N LYS A 141 -7.01 24.79 17.90
CA LYS A 141 -8.00 23.87 18.39
C LYS A 141 -9.37 24.16 17.83
N GLU A 142 -9.80 25.40 17.97
CA GLU A 142 -11.11 25.81 17.49
C GLU A 142 -11.19 25.73 15.95
N ASP A 143 -10.01 25.65 15.31
CA ASP A 143 -9.94 25.54 13.86
C ASP A 143 -9.88 24.12 13.29
N LYS A 144 -10.00 23.08 14.12
CA LYS A 144 -9.92 21.67 13.66
C LYS A 144 -11.15 21.19 12.87
N HIS A 145 -10.91 20.53 11.74
CA HIS A 145 -11.96 19.79 11.01
C HIS A 145 -11.72 18.27 11.10
N TYR A 146 -12.75 17.54 11.51
CA TYR A 146 -12.60 16.15 11.93
C TYR A 146 -13.17 15.21 10.90
N GLY A 147 -12.49 14.08 10.69
CA GLY A 147 -13.09 13.05 9.88
C GLY A 147 -14.00 12.21 10.75
N TYR A 148 -15.05 11.66 10.16
CA TYR A 148 -15.94 10.78 10.89
C TYR A 148 -15.40 9.35 10.85
N THR A 149 -15.18 8.85 9.64
CA THR A 149 -14.54 7.58 9.39
C THR A 149 -13.40 7.76 8.38
N SER A 150 -12.38 6.91 8.50
CA SER A 150 -11.45 6.63 7.41
C SER A 150 -11.42 5.14 7.05
N TYR A 151 -11.12 4.81 5.80
CA TYR A 151 -11.13 3.43 5.40
C TYR A 151 -10.31 3.17 4.13
N SER A 152 -9.88 1.92 3.91
CA SER A 152 -9.24 1.51 2.65
C SER A 152 -10.26 1.01 1.65
N VAL A 153 -10.11 1.40 0.39
CA VAL A 153 -10.96 0.84 -0.65
C VAL A 153 -10.26 -0.32 -1.37
N SER A 154 -10.93 -1.46 -1.45
CA SER A 154 -10.31 -2.63 -2.08
C SER A 154 -9.96 -2.48 -3.58
N ASP A 155 -8.91 -3.19 -4.01
CA ASP A 155 -8.51 -3.30 -5.42
C ASP A 155 -9.64 -3.78 -6.33
N SER A 156 -10.58 -2.88 -6.58
CA SER A 156 -11.71 -3.16 -7.46
C SER A 156 -12.04 -1.90 -8.25
N GLU A 157 -11.89 -1.98 -9.56
CA GLU A 157 -12.17 -0.84 -10.42
C GLU A 157 -13.53 -0.23 -10.15
N LYS A 158 -14.54 -1.07 -10.14
CA LYS A 158 -15.92 -0.68 -9.93
C LYS A 158 -16.15 -0.14 -8.53
N GLU A 159 -15.43 -0.67 -7.56
CA GLU A 159 -15.59 -0.22 -6.20
C GLU A 159 -15.05 1.21 -6.07
N ILE A 160 -13.87 1.38 -6.61
CA ILE A 160 -13.15 2.64 -6.55
C ILE A 160 -13.93 3.69 -7.31
N MET A 161 -14.51 3.29 -8.44
CA MET A 161 -15.33 4.20 -9.20
C MET A 161 -16.57 4.56 -8.38
N ALA A 162 -17.17 3.59 -7.70
CA ALA A 162 -18.40 3.95 -7.02
C ALA A 162 -18.16 4.86 -5.82
N GLU A 163 -16.97 4.79 -5.23
CA GLU A 163 -16.62 5.58 -4.06
C GLU A 163 -16.44 7.05 -4.44
N ILE A 164 -15.76 7.30 -5.57
CA ILE A 164 -15.49 8.63 -6.10
C ILE A 164 -16.79 9.31 -6.54
N TYR A 165 -17.67 8.52 -7.13
CA TYR A 165 -18.92 9.01 -7.64
C TYR A 165 -19.88 9.43 -6.54
N LYS A 166 -19.99 8.60 -5.52
CA LYS A 166 -20.77 8.86 -4.33
C LYS A 166 -20.15 9.79 -3.29
N ASN A 167 -18.86 9.71 -3.03
CA ASN A 167 -18.26 10.52 -1.97
C ASN A 167 -17.24 11.59 -2.36
N GLY A 168 -16.80 11.54 -3.61
CA GLY A 168 -15.77 12.48 -4.04
C GLY A 168 -14.40 11.89 -4.22
N PRO A 169 -13.40 12.68 -4.62
CA PRO A 169 -11.99 12.25 -4.75
C PRO A 169 -11.48 11.35 -3.60
N VAL A 170 -10.46 10.55 -3.91
CA VAL A 170 -9.81 9.65 -2.95
C VAL A 170 -8.27 9.83 -3.05
N GLU A 171 -7.54 9.47 -2.01
CA GLU A 171 -6.08 9.38 -2.17
C GLU A 171 -5.67 7.99 -2.71
N GLY A 172 -4.62 7.95 -3.50
CA GLY A 172 -4.13 6.71 -4.06
C GLY A 172 -2.63 6.74 -4.03
N ALA A 173 -2.00 5.66 -4.50
CA ALA A 173 -0.52 5.65 -4.65
C ALA A 173 -0.08 4.67 -5.69
N PHE A 174 1.12 4.90 -6.22
CA PHE A 174 1.60 4.16 -7.37
C PHE A 174 3.10 4.19 -7.53
N THR A 175 3.66 3.20 -8.20
CA THR A 175 5.12 3.12 -8.31
C THR A 175 5.57 4.06 -9.40
N VAL A 176 6.61 4.82 -9.13
CA VAL A 176 7.05 5.77 -10.11
C VAL A 176 8.32 5.30 -10.81
N PHE A 177 8.23 5.16 -12.13
CA PHE A 177 9.41 5.07 -12.95
C PHE A 177 9.85 6.39 -13.56
N SER A 178 11.15 6.47 -13.80
CA SER A 178 11.78 7.55 -14.57
C SER A 178 10.98 8.13 -15.78
N ASP A 179 10.23 7.28 -16.50
CA ASP A 179 9.48 7.73 -17.69
C ASP A 179 8.21 8.55 -17.41
N PHE A 180 7.85 8.62 -16.13
CA PHE A 180 6.69 9.39 -15.62
C PHE A 180 7.03 10.89 -15.59
N LEU A 181 8.27 11.20 -15.19
CA LEU A 181 8.69 12.55 -14.85
C LEU A 181 8.49 13.58 -15.96
N THR A 182 8.44 13.09 -17.19
CA THR A 182 8.36 13.94 -18.36
C THR A 182 7.03 13.73 -19.06
N TYR A 183 6.04 13.32 -18.29
CA TYR A 183 4.66 13.26 -18.77
C TYR A 183 4.17 14.68 -19.18
N LYS A 184 3.47 14.77 -20.30
CA LYS A 184 2.91 16.05 -20.79
C LYS A 184 1.40 15.93 -20.99
N SER A 185 0.99 14.82 -21.61
CA SER A 185 -0.42 14.56 -21.83
C SER A 185 -0.71 13.17 -22.35
N GLY A 186 -1.97 12.92 -22.69
CA GLY A 186 -2.44 11.58 -23.02
C GLY A 186 -2.49 10.67 -21.82
N VAL A 187 -2.64 9.38 -22.05
CA VAL A 187 -2.71 8.40 -20.97
C VAL A 187 -1.38 7.69 -20.70
N TYR A 188 -0.74 8.01 -19.57
CA TYR A 188 0.46 7.33 -19.09
C TYR A 188 0.30 5.80 -18.88
N LYS A 189 1.06 5.07 -19.70
CA LYS A 189 1.36 3.65 -19.48
C LYS A 189 2.89 3.52 -19.41
N HIS A 190 3.37 3.03 -18.28
CA HIS A 190 4.78 2.76 -18.09
C HIS A 190 5.31 1.83 -19.19
N GLU A 191 6.28 2.34 -19.95
CA GLU A 191 6.95 1.51 -20.93
C GLU A 191 8.45 1.37 -20.69
N ALA A 192 9.10 2.41 -20.16
CA ALA A 192 10.51 2.31 -19.81
C ALA A 192 10.94 3.10 -18.56
N GLY A 193 12.21 2.89 -18.16
CA GLY A 193 12.73 3.61 -17.01
C GLY A 193 12.91 2.86 -15.68
N ASP A 194 13.83 3.37 -14.85
CA ASP A 194 14.11 2.87 -13.50
C ASP A 194 13.00 3.18 -12.49
N VAL A 195 12.79 2.29 -11.51
CA VAL A 195 11.90 2.61 -10.37
C VAL A 195 12.45 3.82 -9.63
N MET A 196 11.53 4.51 -8.94
CA MET A 196 11.85 5.64 -8.08
C MET A 196 11.11 5.57 -6.75
N GLY A 197 9.99 4.85 -6.74
CA GLY A 197 9.25 4.65 -5.51
C GLY A 197 7.76 4.76 -5.77
N GLY A 198 6.97 4.37 -4.78
CA GLY A 198 5.55 4.63 -4.82
C GLY A 198 5.32 6.03 -4.31
N HIS A 199 4.49 6.82 -5.00
CA HIS A 199 4.15 8.16 -4.52
C HIS A 199 2.67 8.46 -4.51
N ALA A 200 2.19 9.10 -3.42
CA ALA A 200 0.76 9.38 -3.18
C ALA A 200 0.19 10.47 -4.07
N ILE A 201 -1.06 10.28 -4.45
CA ILE A 201 -1.75 11.22 -5.33
C ILE A 201 -3.23 11.24 -5.07
N ARG A 202 -3.94 12.17 -5.71
CA ARG A 202 -5.35 12.28 -5.49
C ARG A 202 -6.03 11.90 -6.76
N ILE A 203 -7.00 11.01 -6.69
CA ILE A 203 -7.74 10.62 -7.89
C ILE A 203 -9.14 11.25 -7.81
N LEU A 204 -9.60 11.77 -8.94
CA LEU A 204 -10.77 12.66 -8.95
C LEU A 204 -11.64 12.48 -10.18
N GLY A 205 -11.44 11.37 -10.87
CA GLY A 205 -12.23 11.08 -12.04
C GLY A 205 -11.66 9.95 -12.89
N TRP A 206 -12.38 9.63 -13.96
CA TRP A 206 -11.97 8.66 -14.95
C TRP A 206 -12.61 9.02 -16.31
N GLY A 207 -12.19 8.29 -17.33
CA GLY A 207 -12.75 8.47 -18.65
C GLY A 207 -12.05 7.58 -19.67
N ILE A 208 -12.38 7.79 -20.93
CA ILE A 208 -11.75 7.06 -22.02
C ILE A 208 -11.21 8.08 -23.03
N GLU A 209 -9.94 7.91 -23.38
CA GLU A 209 -9.27 8.74 -24.36
C GLU A 209 -8.68 7.91 -25.49
N ASN A 210 -9.33 7.92 -26.64
CA ASN A 210 -8.86 7.16 -27.81
C ASN A 210 -8.80 5.66 -27.50
N GLY A 211 -9.88 5.15 -26.92
CA GLY A 211 -10.00 3.73 -26.65
C GLY A 211 -9.48 3.31 -25.29
N VAL A 212 -8.50 4.04 -24.79
CA VAL A 212 -7.84 3.71 -23.51
C VAL A 212 -8.49 4.30 -22.25
N PRO A 213 -8.93 3.43 -21.30
CA PRO A 213 -9.53 3.90 -20.04
C PRO A 213 -8.46 4.41 -19.07
N TYR A 214 -8.80 5.48 -18.35
CA TYR A 214 -7.82 6.09 -17.47
C TYR A 214 -8.43 6.64 -16.20
N TRP A 215 -7.54 7.02 -15.30
CA TRP A 215 -7.91 7.74 -14.13
C TRP A 215 -7.38 9.15 -14.31
N LEU A 216 -8.19 10.12 -13.92
CA LEU A 216 -7.80 11.51 -13.81
C LEU A 216 -7.16 11.70 -12.45
N VAL A 217 -5.90 12.13 -12.45
CA VAL A 217 -5.16 12.20 -11.21
C VAL A 217 -4.53 13.60 -11.10
N ALA A 218 -4.40 14.10 -9.88
CA ALA A 218 -3.78 15.36 -9.51
C ALA A 218 -2.46 15.08 -8.86
N ASN A 219 -1.38 15.57 -9.45
CA ASN A 219 -0.06 15.56 -8.80
C ASN A 219 0.11 16.86 -7.97
N SER A 220 1.12 16.87 -7.09
CA SER A 220 1.38 18.00 -6.22
C SER A 220 2.77 18.52 -6.53
N TRP A 221 3.00 18.68 -7.84
CA TRP A 221 4.23 19.27 -8.37
C TRP A 221 3.99 20.64 -9.07
N ASN A 222 2.98 21.43 -8.62
CA ASN A 222 2.59 22.69 -9.28
C ASN A 222 2.00 22.54 -10.68
N ALA A 223 1.53 23.64 -11.25
CA ALA A 223 0.78 23.53 -12.49
C ALA A 223 1.60 23.49 -13.75
N ASP A 224 2.90 23.76 -13.63
CA ASP A 224 3.78 23.61 -14.80
C ASP A 224 4.34 22.20 -15.06
N TRP A 225 3.93 21.24 -14.24
CA TRP A 225 4.27 19.83 -14.48
C TRP A 225 3.08 19.16 -15.15
N GLY A 226 3.36 18.37 -16.17
CA GLY A 226 2.33 17.52 -16.73
C GLY A 226 1.32 18.32 -17.46
N ASP A 227 0.08 17.88 -17.40
CA ASP A 227 -1.00 18.56 -18.06
C ASP A 227 -1.73 19.46 -17.04
N ASN A 228 -1.16 20.64 -16.76
CA ASN A 228 -1.67 21.63 -15.81
C ASN A 228 -1.58 21.08 -14.39
N GLY A 229 -0.52 20.32 -14.08
CA GLY A 229 -0.41 19.67 -12.77
C GLY A 229 -1.08 18.29 -12.65
N PHE A 230 -1.92 17.99 -13.63
CA PHE A 230 -2.74 16.76 -13.65
C PHE A 230 -2.10 15.74 -14.62
N PHE A 231 -2.55 14.49 -14.54
CA PHE A 231 -2.17 13.45 -15.52
C PHE A 231 -3.27 12.42 -15.62
N LYS A 232 -3.23 11.65 -16.70
CA LYS A 232 -4.07 10.46 -16.78
C LYS A 232 -3.21 9.18 -16.71
N ILE A 233 -3.72 8.14 -16.06
CA ILE A 233 -2.96 6.90 -15.93
C ILE A 233 -3.87 5.72 -16.26
N LEU A 234 -3.34 4.78 -17.02
CA LEU A 234 -4.10 3.58 -17.39
C LEU A 234 -4.96 3.00 -16.25
N ARG A 235 -6.24 2.80 -16.54
CA ARG A 235 -7.18 2.30 -15.57
C ARG A 235 -7.58 0.88 -15.91
N GLY A 236 -7.84 0.09 -14.87
CA GLY A 236 -8.35 -1.25 -15.04
C GLY A 236 -7.36 -2.41 -15.01
N GLU A 237 -6.07 -2.15 -15.07
CA GLU A 237 -5.14 -3.24 -14.89
C GLU A 237 -4.08 -2.97 -13.86
N ASN A 238 -4.56 -2.54 -12.68
CA ASN A 238 -3.71 -2.24 -11.54
C ASN A 238 -2.32 -1.69 -11.92
N HIS A 239 -2.30 -0.87 -12.96
CA HIS A 239 -1.06 -0.29 -13.47
C HIS A 239 -0.22 0.49 -12.45
N CYS A 240 1.04 0.12 -12.32
CA CYS A 240 1.95 0.65 -11.27
C CYS A 240 1.32 0.68 -9.89
N GLY A 241 0.35 -0.21 -9.69
CA GLY A 241 -0.33 -0.39 -8.42
C GLY A 241 -1.38 0.67 -8.09
N ILE A 242 -1.78 1.42 -9.10
CA ILE A 242 -2.73 2.55 -8.95
C ILE A 242 -4.06 2.16 -8.27
N GLU A 243 -4.50 0.92 -8.47
CA GLU A 243 -5.74 0.47 -7.83
C GLU A 243 -5.55 -0.27 -6.52
N SER A 244 -4.34 -0.22 -5.98
CA SER A 244 -3.96 -1.07 -4.86
C SER A 244 -3.97 -0.43 -3.50
N GLU A 245 -3.65 0.86 -3.47
CA GLU A 245 -3.57 1.60 -2.21
C GLU A 245 -4.51 2.80 -2.06
N ILE A 246 -5.80 2.56 -2.18
CA ILE A 246 -6.82 3.60 -2.14
C ILE A 246 -7.36 3.77 -0.74
N VAL A 247 -7.18 5.00 -0.22
CA VAL A 247 -7.69 5.43 1.09
C VAL A 247 -8.65 6.63 0.96
N ALA A 248 -9.56 6.73 1.91
CA ALA A 248 -10.63 7.71 1.88
C ALA A 248 -11.35 7.73 3.22
N GLY A 249 -12.44 8.46 3.28
CA GLY A 249 -12.89 8.97 4.56
C GLY A 249 -14.07 9.91 4.39
N ILE A 250 -14.87 10.02 5.45
CA ILE A 250 -16.07 10.85 5.48
C ILE A 250 -15.81 11.92 6.52
N PRO A 251 -16.14 13.17 6.15
CA PRO A 251 -16.03 14.30 7.08
C PRO A 251 -17.04 14.20 8.21
N ARG A 252 -16.61 14.55 9.42
CA ARG A 252 -17.60 14.67 10.49
C ARG A 252 -18.54 15.85 10.24
N THR A 253 -19.82 15.66 10.52
CA THR A 253 -20.78 16.77 10.51
C THR A 253 -20.73 17.54 11.84
N LEU B 1 -11.24 -9.94 22.13
CA LEU B 1 -10.02 -10.52 21.47
C LEU B 1 -8.94 -10.83 22.49
N PRO B 2 -8.15 -11.89 22.26
CA PRO B 2 -7.04 -12.23 23.17
C PRO B 2 -5.88 -11.24 23.14
N GLU B 3 -5.20 -11.16 24.28
CA GLU B 3 -4.01 -10.34 24.43
C GLU B 3 -2.86 -10.90 23.60
N SER B 4 -2.85 -12.22 23.49
CA SER B 4 -1.85 -12.89 22.68
C SER B 4 -2.56 -13.98 21.88
N PHE B 5 -2.03 -14.21 20.69
CA PHE B 5 -2.65 -15.13 19.78
C PHE B 5 -1.67 -15.58 18.71
N ASP B 6 -1.60 -16.89 18.53
CA ASP B 6 -0.73 -17.55 17.56
C ASP B 6 -1.57 -18.46 16.68
N ALA B 7 -1.57 -18.19 15.39
CA ALA B 7 -2.38 -18.96 14.47
C ALA B 7 -1.93 -20.41 14.42
N ARG B 8 -0.64 -20.64 14.64
CA ARG B 8 -0.04 -21.99 14.61
C ARG B 8 -0.67 -22.90 15.66
N GLU B 9 -1.04 -22.30 16.78
CA GLU B 9 -1.70 -23.06 17.82
C GLU B 9 -3.20 -23.15 17.68
N GLN B 10 -3.80 -22.12 17.11
CA GLN B 10 -5.26 -22.09 16.99
C GLN B 10 -5.71 -23.13 15.98
N TRP B 11 -4.87 -23.40 14.98
CA TRP B 11 -5.23 -24.39 13.97
C TRP B 11 -4.03 -25.27 13.73
N SER B 12 -3.62 -25.97 14.79
CA SER B 12 -2.45 -26.87 14.80
C SER B 12 -2.57 -28.04 13.84
N ASN B 13 -3.80 -28.27 13.39
CA ASN B 13 -4.11 -29.24 12.37
C ASN B 13 -3.75 -28.73 10.99
N CYS B 14 -3.19 -27.52 10.93
CA CYS B 14 -2.96 -26.78 9.67
C CYS B 14 -1.51 -26.35 9.53
N PRO B 15 -0.67 -27.23 8.98
CA PRO B 15 0.79 -27.16 9.06
C PRO B 15 1.46 -26.09 8.18
N THR B 16 0.82 -25.70 7.07
CA THR B 16 1.27 -24.55 6.29
C THR B 16 1.45 -23.28 7.15
N ILE B 17 0.61 -23.15 8.18
CA ILE B 17 0.70 -22.01 9.07
C ILE B 17 2.07 -21.90 9.72
N ALA B 18 2.70 -23.04 9.99
CA ALA B 18 3.95 -23.06 10.79
C ALA B 18 5.16 -23.02 9.87
N GLN B 19 4.91 -23.11 8.57
CA GLN B 19 6.00 -23.29 7.60
C GLN B 19 6.67 -22.01 7.08
N ILE B 20 7.99 -21.96 7.17
CA ILE B 20 8.82 -20.92 6.53
C ILE B 20 9.40 -21.29 5.15
N ARG B 21 8.99 -20.56 4.11
CA ARG B 21 9.51 -20.77 2.76
C ARG B 21 10.73 -19.91 2.49
N ASP B 22 11.31 -20.10 1.32
CA ASP B 22 12.43 -19.30 0.88
C ASP B 22 12.19 -18.91 -0.58
N GLN B 23 12.01 -17.62 -0.79
CA GLN B 23 11.74 -17.09 -2.14
C GLN B 23 12.94 -17.17 -3.06
N GLY B 24 14.14 -17.25 -2.47
CA GLY B 24 15.34 -17.29 -3.31
C GLY B 24 15.89 -15.93 -3.81
N SER B 25 16.64 -15.98 -4.91
CA SER B 25 17.16 -14.77 -5.56
C SER B 25 16.11 -14.20 -6.53
N CYS B 26 14.91 -13.96 -5.99
CA CYS B 26 13.81 -13.37 -6.74
C CYS B 26 12.98 -12.54 -5.78
N GLY B 27 12.80 -11.26 -6.10
CA GLY B 27 12.02 -10.39 -5.25
C GLY B 27 10.53 -10.61 -5.45
N SER B 28 10.01 -11.66 -4.83
CA SER B 28 8.64 -12.05 -5.03
C SER B 28 8.03 -12.31 -3.65
N CYS B 29 8.43 -11.49 -2.67
CA CYS B 29 7.71 -11.48 -1.38
C CYS B 29 6.23 -11.28 -1.55
N TRP B 30 5.85 -10.37 -2.43
CA TRP B 30 4.43 -10.18 -2.73
C TRP B 30 3.72 -11.51 -3.05
N ALA B 31 4.42 -12.43 -3.74
CA ALA B 31 3.84 -13.72 -4.20
C ALA B 31 3.80 -14.77 -3.09
N PHE B 32 4.80 -14.68 -2.21
CA PHE B 32 5.00 -15.59 -1.10
C PHE B 32 4.05 -15.30 0.06
N GLY B 33 3.93 -14.05 0.49
CA GLY B 33 2.97 -13.70 1.54
C GLY B 33 1.51 -14.08 1.25
N ALA B 34 1.13 -13.90 0.00
CA ALA B 34 -0.18 -14.35 -0.46
C ALA B 34 -0.39 -15.89 -0.45
N VAL B 35 0.48 -16.66 -1.11
CA VAL B 35 0.27 -18.13 -1.25
C VAL B 35 0.46 -18.88 0.06
N GLU B 36 1.43 -18.45 0.88
CA GLU B 36 1.41 -18.78 2.27
C GLU B 36 0.11 -18.52 3.01
N ALA B 37 -0.43 -17.31 2.91
CA ALA B 37 -1.69 -17.03 3.61
C ALA B 37 -2.91 -17.73 2.97
N MET B 38 -2.85 -18.01 1.68
CA MET B 38 -3.93 -18.73 1.01
C MET B 38 -3.96 -20.22 1.38
N SER B 39 -2.81 -20.87 1.38
CA SER B 39 -2.65 -22.22 1.94
C SER B 39 -3.23 -22.29 3.34
N ASP B 40 -2.75 -21.44 4.25
CA ASP B 40 -3.28 -21.44 5.62
C ASP B 40 -4.80 -21.37 5.65
N ARG B 41 -5.37 -20.49 4.83
CA ARG B 41 -6.82 -20.27 4.86
C ARG B 41 -7.67 -21.35 4.16
N ILE B 42 -7.11 -22.02 3.14
CA ILE B 42 -7.76 -23.20 2.56
C ILE B 42 -7.86 -24.34 3.58
N CYS B 43 -6.84 -24.47 4.42
CA CYS B 43 -6.90 -25.42 5.53
C CYS B 43 -7.89 -24.99 6.62
N ILE B 44 -7.84 -23.71 6.99
CA ILE B 44 -8.73 -23.21 8.04
C ILE B 44 -10.19 -23.25 7.66
N HIS B 45 -10.49 -22.92 6.41
CA HIS B 45 -11.88 -22.75 5.99
C HIS B 45 -12.59 -24.04 5.60
N THR B 46 -11.84 -25.09 5.26
CA THR B 46 -12.45 -26.42 5.08
C THR B 46 -12.34 -27.25 6.33
N ASN B 47 -11.81 -26.64 7.38
CA ASN B 47 -11.72 -27.25 8.71
C ASN B 47 -10.79 -28.44 8.77
N GLY B 48 -9.66 -28.38 8.05
CA GLY B 48 -8.76 -29.53 7.93
C GLY B 48 -8.90 -30.38 6.67
N ARG B 49 -10.11 -30.39 6.08
CA ARG B 49 -10.37 -31.27 4.94
C ARG B 49 -9.40 -31.13 3.81
N VAL B 50 -9.04 -29.89 3.49
CA VAL B 50 -8.16 -29.63 2.36
C VAL B 50 -6.87 -28.97 2.91
N ASN B 51 -5.75 -29.57 2.55
CA ASN B 51 -4.48 -29.03 2.95
C ASN B 51 -3.55 -29.11 1.75
N VAL B 52 -3.42 -27.98 1.08
CA VAL B 52 -2.45 -27.84 -0.01
C VAL B 52 -1.50 -26.71 0.32
N GLU B 53 -0.27 -26.92 -0.13
CA GLU B 53 0.65 -25.81 -0.41
C GLU B 53 0.31 -25.21 -1.75
N VAL B 54 -0.23 -23.98 -1.71
CA VAL B 54 -0.51 -23.24 -2.93
C VAL B 54 0.81 -22.86 -3.57
N SER B 55 0.89 -23.00 -4.90
CA SER B 55 2.12 -22.71 -5.62
C SER B 55 2.51 -21.24 -5.66
N ALA B 56 3.57 -20.89 -4.94
CA ALA B 56 4.33 -19.68 -5.23
C ALA B 56 4.76 -19.51 -6.69
N GLU B 57 4.94 -20.62 -7.38
CA GLU B 57 5.47 -20.60 -8.74
C GLU B 57 4.39 -20.21 -9.75
N ASP B 58 3.20 -20.81 -9.61
CA ASP B 58 2.07 -20.40 -10.44
C ASP B 58 1.75 -18.89 -10.34
N LEU B 59 1.66 -18.38 -9.11
CA LEU B 59 1.38 -16.97 -8.88
C LEU B 59 2.43 -16.11 -9.55
N LEU B 60 3.68 -16.39 -9.24
CA LEU B 60 4.75 -15.53 -9.64
C LEU B 60 4.90 -15.38 -11.14
N THR B 61 4.61 -16.47 -11.84
CA THR B 61 4.98 -16.60 -13.24
C THR B 61 3.80 -16.37 -14.14
N CYS B 62 2.60 -16.65 -13.63
CA CYS B 62 1.40 -16.58 -14.47
C CYS B 62 0.46 -15.42 -14.21
N CYS B 63 0.68 -14.65 -13.15
CA CYS B 63 -0.17 -13.48 -12.87
C CYS B 63 -0.12 -12.42 -13.96
N GLY B 64 1.09 -11.98 -14.29
CA GLY B 64 1.25 -10.94 -15.29
C GLY B 64 1.24 -9.54 -14.72
N ILE B 65 0.70 -8.59 -15.50
CA ILE B 65 0.88 -7.14 -15.24
C ILE B 65 0.09 -6.59 -14.03
N GLN B 66 -1.08 -7.18 -13.79
CA GLN B 66 -1.90 -6.86 -12.62
C GLN B 66 -1.21 -7.11 -11.26
N CYS B 67 -0.17 -7.96 -11.25
CA CYS B 67 0.56 -8.30 -10.02
C CYS B 67 1.87 -7.53 -9.81
N GLY B 68 2.46 -7.06 -10.88
CA GLY B 68 3.69 -6.31 -10.78
C GLY B 68 4.70 -6.67 -11.83
N ASP B 69 5.96 -6.82 -11.41
CA ASP B 69 7.03 -7.28 -12.30
C ASP B 69 7.74 -8.48 -11.70
N GLY B 70 6.96 -9.49 -11.33
CA GLY B 70 7.51 -10.77 -10.92
C GLY B 70 8.64 -10.75 -9.88
N CYS B 71 9.84 -11.09 -10.31
CA CYS B 71 10.99 -11.11 -9.41
C CYS B 71 11.48 -9.71 -9.02
N ASN B 72 11.01 -8.71 -9.73
CA ASN B 72 11.45 -7.34 -9.54
C ASN B 72 10.50 -6.64 -8.57
N GLY B 73 9.37 -7.29 -8.33
CA GLY B 73 8.44 -6.79 -7.33
C GLY B 73 7.02 -6.83 -7.83
N GLY B 74 6.09 -6.72 -6.91
CA GLY B 74 4.71 -6.70 -7.32
C GLY B 74 3.78 -6.26 -6.21
N TYR B 75 2.50 -6.56 -6.39
CA TYR B 75 1.45 -5.96 -5.59
C TYR B 75 0.58 -7.04 -5.06
N PRO B 76 0.54 -7.19 -3.71
CA PRO B 76 -0.25 -8.18 -2.97
C PRO B 76 -1.69 -8.30 -3.38
N SER B 77 -2.34 -7.16 -3.57
CA SER B 77 -3.76 -7.12 -3.82
C SER B 77 -4.04 -7.58 -5.25
N GLY B 78 -3.08 -7.40 -6.15
CA GLY B 78 -3.12 -8.04 -7.47
C GLY B 78 -3.08 -9.56 -7.43
N ALA B 79 -2.23 -10.12 -6.56
CA ALA B 79 -2.19 -11.54 -6.27
C ALA B 79 -3.52 -12.12 -5.77
N TRP B 80 -4.10 -11.58 -4.71
CA TRP B 80 -5.39 -12.09 -4.22
C TRP B 80 -6.56 -11.97 -5.19
N ASN B 81 -6.43 -11.05 -6.15
CA ASN B 81 -7.42 -10.91 -7.23
C ASN B 81 -7.26 -12.00 -8.24
N PHE B 82 -6.01 -12.25 -8.62
CA PHE B 82 -5.67 -13.33 -9.52
C PHE B 82 -6.22 -14.69 -9.04
N TRP B 83 -5.95 -15.00 -7.78
CA TRP B 83 -6.52 -16.13 -7.09
C TRP B 83 -8.04 -16.25 -7.26
N THR B 84 -8.70 -15.12 -7.23
CA THR B 84 -10.15 -15.09 -7.27
C THR B 84 -10.70 -15.37 -8.68
N ARG B 85 -9.88 -15.15 -9.71
CA ARG B 85 -10.32 -15.12 -11.10
C ARG B 85 -9.74 -16.34 -11.83
N LYS B 86 -8.42 -16.46 -11.81
CA LYS B 86 -7.74 -17.58 -12.50
C LYS B 86 -7.28 -18.76 -11.58
N GLY B 87 -7.43 -18.60 -10.26
CA GLY B 87 -7.02 -19.62 -9.31
C GLY B 87 -5.53 -19.92 -9.21
N LEU B 88 -5.13 -20.70 -8.22
CA LEU B 88 -3.74 -21.13 -8.09
C LEU B 88 -3.53 -22.68 -7.92
N VAL B 89 -2.67 -23.26 -8.74
CA VAL B 89 -2.37 -24.69 -8.60
C VAL B 89 -1.47 -24.91 -7.42
N SER B 90 -1.47 -26.14 -6.92
CA SER B 90 -0.56 -26.52 -5.84
C SER B 90 0.92 -26.64 -6.26
N GLY B 91 1.82 -26.48 -5.31
CA GLY B 91 3.25 -26.57 -5.61
C GLY B 91 4.05 -26.44 -4.34
N GLY B 92 4.75 -27.48 -3.96
CA GLY B 92 5.53 -27.42 -2.75
C GLY B 92 6.84 -26.70 -2.96
N VAL B 93 7.67 -26.75 -1.93
CA VAL B 93 9.02 -26.18 -2.01
C VAL B 93 9.88 -26.79 -3.12
N TYR B 94 10.99 -26.10 -3.38
CA TYR B 94 12.02 -26.55 -4.32
C TYR B 94 12.48 -28.00 -4.08
N ASN B 95 12.48 -28.79 -5.15
CA ASN B 95 12.79 -30.22 -5.16
C ASN B 95 11.92 -31.14 -4.27
N SER B 96 10.79 -30.64 -3.80
CA SER B 96 9.88 -31.41 -2.98
C SER B 96 9.15 -32.41 -3.87
N HIS B 97 9.01 -32.05 -5.15
CA HIS B 97 8.14 -32.80 -6.06
C HIS B 97 6.71 -33.00 -5.59
N ILE B 98 6.28 -32.16 -4.66
CA ILE B 98 4.90 -32.15 -4.19
C ILE B 98 4.08 -31.10 -4.96
N GLY B 99 2.89 -31.54 -5.42
CA GLY B 99 1.98 -30.68 -6.15
C GLY B 99 2.29 -30.47 -7.63
N CYS B 100 1.45 -29.65 -8.25
CA CYS B 100 1.55 -29.33 -9.68
C CYS B 100 2.80 -28.57 -10.12
N LEU B 101 3.10 -27.47 -9.42
CA LEU B 101 4.24 -26.61 -9.74
C LEU B 101 5.03 -26.24 -8.51
N PRO B 102 5.96 -27.10 -8.10
CA PRO B 102 6.84 -26.73 -7.00
C PRO B 102 7.79 -25.63 -7.45
N TYR B 103 8.33 -24.88 -6.51
CA TYR B 103 9.11 -23.69 -6.82
C TYR B 103 10.47 -24.08 -7.43
N THR B 104 10.90 -23.31 -8.41
CA THR B 104 12.00 -23.71 -9.29
C THR B 104 13.23 -22.83 -9.05
N ILE B 105 13.17 -22.04 -8.00
CA ILE B 105 14.26 -21.15 -7.63
C ILE B 105 14.80 -21.53 -6.25
N PRO B 106 16.09 -21.86 -6.21
CA PRO B 106 16.67 -22.59 -5.09
C PRO B 106 16.85 -21.67 -3.92
N PRO B 107 16.89 -22.23 -2.73
CA PRO B 107 17.24 -21.57 -1.47
C PRO B 107 18.63 -20.97 -1.53
N CYS B 108 18.81 -19.91 -0.77
CA CYS B 108 20.09 -19.22 -0.73
C CYS B 108 20.16 -18.44 0.59
N GLU B 109 21.33 -17.94 0.95
CA GLU B 109 21.47 -17.26 2.24
C GLU B 109 21.14 -15.76 2.18
N HIS B 110 20.18 -15.36 3.03
CA HIS B 110 19.56 -14.04 3.04
C HIS B 110 20.08 -13.17 4.18
N HIS B 111 21.13 -12.40 3.92
CA HIS B 111 21.75 -11.51 4.93
C HIS B 111 22.23 -12.26 6.15
N VAL B 112 22.58 -13.53 5.93
CA VAL B 112 23.11 -14.43 6.96
C VAL B 112 24.16 -15.35 6.33
N ASN B 113 24.99 -15.95 7.17
CA ASN B 113 25.93 -16.95 6.72
C ASN B 113 25.36 -18.34 6.92
N GLY B 114 25.65 -19.23 5.97
CA GLY B 114 25.29 -20.63 6.13
C GLY B 114 25.79 -21.49 4.99
N ALA B 115 25.22 -22.67 4.88
CA ALA B 115 25.69 -23.64 3.87
C ALA B 115 25.23 -23.36 2.44
N ARG B 116 24.09 -22.66 2.31
CA ARG B 116 23.51 -22.37 0.98
C ARG B 116 24.28 -21.23 0.28
N PRO B 117 24.39 -21.28 -1.06
CA PRO B 117 24.98 -20.14 -1.77
C PRO B 117 24.35 -18.79 -1.33
N PRO B 118 25.16 -17.71 -1.25
CA PRO B 118 24.59 -16.37 -1.06
C PRO B 118 23.46 -16.16 -2.05
N CYS B 119 22.43 -15.46 -1.60
CA CYS B 119 21.40 -15.04 -2.53
C CYS B 119 21.97 -13.94 -3.37
N THR B 120 21.45 -13.84 -4.58
CA THR B 120 22.03 -12.92 -5.54
C THR B 120 21.09 -11.81 -6.01
N GLY B 121 19.88 -11.78 -5.47
CA GLY B 121 19.05 -10.61 -5.66
C GLY B 121 18.48 -10.48 -7.05
N GLU B 122 19.32 -10.21 -8.03
CA GLU B 122 18.89 -10.26 -9.41
C GLU B 122 18.57 -11.70 -9.81
N GLY B 123 17.30 -11.93 -10.18
CA GLY B 123 16.88 -13.24 -10.68
C GLY B 123 15.74 -13.11 -11.68
N ASP B 124 15.94 -13.65 -12.89
CA ASP B 124 14.88 -13.74 -13.90
C ASP B 124 13.55 -14.20 -13.33
N THR B 125 12.48 -13.77 -13.95
CA THR B 125 11.17 -14.34 -13.66
C THR B 125 11.00 -15.49 -14.66
N PRO B 126 10.95 -16.72 -14.16
CA PRO B 126 10.46 -17.85 -14.95
C PRO B 126 9.27 -17.51 -15.85
N LYS B 127 9.27 -18.02 -17.07
CA LYS B 127 8.09 -17.95 -17.90
C LYS B 127 6.86 -18.67 -17.31
N CYS B 128 5.68 -18.23 -17.72
CA CYS B 128 4.46 -18.93 -17.32
C CYS B 128 4.27 -20.22 -18.15
N ASN B 129 4.30 -21.35 -17.46
CA ASN B 129 4.12 -22.64 -18.10
C ASN B 129 2.94 -23.32 -17.43
N LYS B 130 1.87 -23.46 -18.16
CA LYS B 130 0.63 -23.98 -17.61
C LYS B 130 0.60 -25.50 -17.60
N MET B 131 1.60 -26.09 -16.94
CA MET B 131 1.78 -27.52 -16.97
C MET B 131 2.41 -28.04 -15.66
N CYS B 132 1.74 -29.00 -15.03
CA CYS B 132 2.25 -29.69 -13.84
C CYS B 132 3.47 -30.56 -14.16
N GLU B 133 4.44 -30.58 -13.24
CA GLU B 133 5.67 -31.36 -13.43
C GLU B 133 5.34 -32.83 -13.69
N ALA B 134 6.26 -33.51 -14.37
CA ALA B 134 6.11 -34.93 -14.66
C ALA B 134 5.93 -35.80 -13.42
N GLY B 135 4.89 -36.62 -13.43
CA GLY B 135 4.60 -37.38 -12.24
C GLY B 135 3.29 -36.99 -11.63
N TYR B 136 2.99 -35.70 -11.64
CA TYR B 136 1.76 -35.22 -11.05
C TYR B 136 0.46 -35.84 -11.65
N SER B 137 -0.48 -36.16 -10.75
CA SER B 137 -1.69 -36.94 -11.02
C SER B 137 -2.72 -36.22 -11.88
N THR B 138 -2.88 -34.92 -11.61
CA THR B 138 -3.84 -34.08 -12.32
C THR B 138 -3.15 -33.09 -13.23
N SER B 139 -3.94 -32.55 -14.14
CA SER B 139 -3.53 -31.47 -15.04
C SER B 139 -3.58 -30.10 -14.36
N TYR B 140 -2.73 -29.19 -14.80
CA TYR B 140 -2.73 -27.79 -14.35
C TYR B 140 -4.14 -27.19 -14.13
N LYS B 141 -4.97 -27.17 -15.17
CA LYS B 141 -6.33 -26.63 -15.01
C LYS B 141 -7.16 -27.30 -13.90
N GLU B 142 -6.95 -28.61 -13.71
CA GLU B 142 -7.69 -29.39 -12.73
C GLU B 142 -7.24 -29.02 -11.33
N ASP B 143 -5.95 -28.75 -11.20
CA ASP B 143 -5.34 -28.49 -9.89
C ASP B 143 -5.55 -27.08 -9.31
N LYS B 144 -6.11 -26.17 -10.11
CA LYS B 144 -6.42 -24.83 -9.60
C LYS B 144 -7.30 -24.84 -8.33
N HIS B 145 -6.86 -24.06 -7.34
CA HIS B 145 -7.69 -23.70 -6.21
C HIS B 145 -8.14 -22.21 -6.35
N TYR B 146 -9.38 -21.93 -6.05
CA TYR B 146 -9.92 -20.61 -6.35
C TYR B 146 -10.22 -19.76 -5.12
N GLY B 147 -10.10 -18.44 -5.27
CA GLY B 147 -10.54 -17.50 -4.24
C GLY B 147 -12.00 -17.18 -4.46
N TYR B 148 -12.74 -17.14 -3.38
CA TYR B 148 -14.12 -16.68 -3.46
C TYR B 148 -14.20 -15.11 -3.44
N THR B 149 -13.47 -14.49 -2.53
CA THR B 149 -13.40 -13.03 -2.39
C THR B 149 -11.98 -12.56 -2.11
N SER B 150 -11.69 -11.28 -2.41
CA SER B 150 -10.48 -10.59 -1.91
C SER B 150 -10.80 -9.18 -1.37
N TYR B 151 -10.02 -8.73 -0.40
CA TYR B 151 -10.30 -7.45 0.16
C TYR B 151 -9.13 -6.87 0.91
N SER B 152 -9.07 -5.54 0.95
CA SER B 152 -8.15 -4.85 1.84
C SER B 152 -8.78 -4.69 3.21
N VAL B 153 -7.94 -4.66 4.20
CA VAL B 153 -8.38 -4.47 5.57
C VAL B 153 -7.87 -3.08 5.92
N SER B 154 -8.77 -2.24 6.41
CA SER B 154 -8.42 -0.87 6.82
C SER B 154 -7.41 -0.79 7.93
N ASP B 155 -6.65 0.29 7.89
CA ASP B 155 -5.64 0.54 8.90
C ASP B 155 -6.32 0.69 10.23
N SER B 156 -6.65 -0.44 10.83
CA SER B 156 -7.20 -0.44 12.16
C SER B 156 -6.67 -1.63 12.98
N GLU B 157 -5.79 -1.37 13.94
CA GLU B 157 -5.25 -2.42 14.78
C GLU B 157 -6.26 -3.49 15.18
N LYS B 158 -7.37 -3.07 15.78
CA LYS B 158 -8.38 -4.03 16.28
C LYS B 158 -9.12 -4.75 15.19
N GLU B 159 -9.18 -4.10 14.04
CA GLU B 159 -9.77 -4.70 12.86
C GLU B 159 -8.84 -5.73 12.21
N ILE B 160 -7.53 -5.52 12.33
CA ILE B 160 -6.56 -6.47 11.78
C ILE B 160 -6.56 -7.76 12.63
N MET B 161 -6.52 -7.60 13.95
CA MET B 161 -6.58 -8.70 14.92
C MET B 161 -7.85 -9.55 14.86
N ALA B 162 -8.94 -8.93 14.49
CA ALA B 162 -10.22 -9.60 14.43
C ALA B 162 -10.29 -10.41 13.16
N GLU B 163 -9.63 -9.91 12.11
CA GLU B 163 -9.60 -10.59 10.82
C GLU B 163 -8.75 -11.87 10.88
N ILE B 164 -7.54 -11.74 11.40
CA ILE B 164 -6.72 -12.91 11.68
C ILE B 164 -7.42 -13.92 12.61
N TYR B 165 -7.85 -13.42 13.76
CA TYR B 165 -8.49 -14.24 14.78
C TYR B 165 -9.72 -14.95 14.27
N LYS B 166 -10.36 -14.39 13.24
CA LYS B 166 -11.58 -15.02 12.71
C LYS B 166 -11.28 -15.90 11.51
N ASN B 167 -10.30 -15.51 10.70
CA ASN B 167 -10.26 -16.01 9.32
C ASN B 167 -8.89 -16.46 8.86
N GLY B 168 -7.87 -16.21 9.69
CA GLY B 168 -6.57 -16.70 9.36
C GLY B 168 -5.51 -15.65 9.20
N PRO B 169 -4.22 -16.03 9.12
CA PRO B 169 -3.18 -15.08 8.77
C PRO B 169 -3.54 -14.15 7.59
N VAL B 170 -2.97 -12.93 7.60
CA VAL B 170 -3.04 -12.01 6.45
C VAL B 170 -1.70 -11.84 5.75
N GLU B 171 -1.74 -11.43 4.50
CA GLU B 171 -0.63 -10.73 3.87
C GLU B 171 -0.60 -9.22 4.24
N GLY B 172 0.59 -8.69 4.50
CA GLY B 172 0.79 -7.28 4.75
C GLY B 172 2.01 -6.78 4.00
N ALA B 173 2.38 -5.52 4.18
CA ALA B 173 3.70 -5.02 3.77
C ALA B 173 4.20 -3.88 4.66
N PHE B 174 5.51 -3.69 4.63
CA PHE B 174 6.16 -2.66 5.46
C PHE B 174 7.44 -2.12 4.83
N THR B 175 7.90 -0.98 5.30
CA THR B 175 9.01 -0.31 4.64
C THR B 175 10.23 -0.95 5.24
N VAL B 176 11.18 -1.34 4.41
CA VAL B 176 12.30 -2.05 4.99
C VAL B 176 13.47 -1.11 5.06
N PHE B 177 13.93 -0.83 6.26
CA PHE B 177 15.25 -0.23 6.49
C PHE B 177 16.35 -1.27 6.70
N SER B 178 17.58 -0.83 6.52
CA SER B 178 18.77 -1.67 6.61
C SER B 178 19.09 -2.27 7.99
N ASP B 179 18.45 -1.75 9.03
CA ASP B 179 18.67 -2.30 10.36
C ASP B 179 17.77 -3.50 10.65
N PHE B 180 16.79 -3.70 9.78
CA PHE B 180 15.89 -4.85 9.87
C PHE B 180 16.62 -6.11 9.40
N LEU B 181 17.48 -5.96 8.40
CA LEU B 181 18.18 -7.07 7.79
C LEU B 181 18.86 -8.04 8.78
N THR B 182 19.29 -7.48 9.90
CA THR B 182 20.05 -8.21 10.90
C THR B 182 19.24 -8.45 12.17
N TYR B 183 17.93 -8.58 12.03
CA TYR B 183 17.10 -8.93 13.16
C TYR B 183 17.39 -10.37 13.56
N LYS B 184 17.61 -10.58 14.85
CA LYS B 184 17.71 -11.91 15.41
C LYS B 184 16.58 -12.28 16.39
N SER B 185 16.25 -11.38 17.31
CA SER B 185 15.26 -11.68 18.36
C SER B 185 14.54 -10.41 18.84
N GLY B 186 13.45 -10.62 19.57
CA GLY B 186 12.80 -9.55 20.32
C GLY B 186 11.89 -8.75 19.42
N VAL B 187 11.44 -7.58 19.85
CA VAL B 187 10.60 -6.75 19.00
C VAL B 187 11.41 -5.73 18.17
N TYR B 188 11.29 -5.86 16.84
CA TYR B 188 11.79 -4.86 15.87
C TYR B 188 11.11 -3.50 15.96
N LYS B 189 11.90 -2.49 16.35
CA LYS B 189 11.54 -1.10 16.13
C LYS B 189 12.64 -0.52 15.31
N HIS B 190 12.28 0.03 14.15
CA HIS B 190 13.24 0.74 13.34
C HIS B 190 13.86 1.87 14.11
N GLU B 191 15.18 1.91 14.03
CA GLU B 191 15.96 2.94 14.68
C GLU B 191 16.96 3.57 13.72
N ALA B 192 18.15 2.99 13.59
CA ALA B 192 19.06 3.41 12.52
C ALA B 192 18.69 2.83 11.15
N GLY B 193 19.34 3.34 10.12
CA GLY B 193 19.41 2.63 8.87
C GLY B 193 18.61 3.26 7.75
N ASP B 194 19.06 3.09 6.51
CA ASP B 194 18.30 3.61 5.39
C ASP B 194 17.27 2.70 4.83
N VAL B 195 16.69 3.17 3.74
CA VAL B 195 15.42 2.69 3.29
C VAL B 195 15.70 1.89 2.03
N MET B 196 15.10 0.70 1.98
CA MET B 196 15.35 -0.26 0.91
C MET B 196 14.02 -0.67 0.28
N GLY B 197 12.99 0.13 0.56
CA GLY B 197 11.68 -0.11 -0.03
C GLY B 197 10.73 -1.02 0.74
N GLY B 198 9.54 -1.22 0.15
CA GLY B 198 8.43 -1.84 0.87
C GLY B 198 8.50 -3.33 0.65
N HIS B 199 8.07 -4.14 1.60
CA HIS B 199 8.17 -5.59 1.44
C HIS B 199 7.11 -6.44 2.05
N ALA B 200 6.57 -7.37 1.26
CA ALA B 200 5.39 -8.11 1.68
C ALA B 200 5.63 -9.38 2.55
N ILE B 201 4.74 -9.60 3.52
CA ILE B 201 4.93 -10.65 4.51
C ILE B 201 3.59 -11.33 4.87
N ARG B 202 3.64 -12.32 5.75
CA ARG B 202 2.43 -12.94 6.27
C ARG B 202 2.39 -12.66 7.77
N ILE B 203 1.28 -12.09 8.22
CA ILE B 203 1.10 -11.80 9.63
C ILE B 203 0.22 -12.89 10.20
N LEU B 204 0.68 -13.54 11.26
CA LEU B 204 -0.06 -14.71 11.76
C LEU B 204 -0.39 -14.61 13.25
N GLY B 205 -0.04 -13.51 13.88
CA GLY B 205 -0.48 -13.31 15.24
C GLY B 205 -0.01 -12.03 15.88
N TRP B 206 -0.17 -11.93 17.18
CA TRP B 206 0.23 -10.78 17.96
C TRP B 206 0.46 -11.24 19.39
N GLY B 207 1.17 -10.41 20.14
CA GLY B 207 1.35 -10.65 21.56
C GLY B 207 2.11 -9.53 22.24
N ILE B 208 2.49 -9.73 23.48
CA ILE B 208 3.15 -8.67 24.24
C ILE B 208 4.52 -9.11 24.79
N GLU B 209 5.56 -8.38 24.43
CA GLU B 209 6.92 -8.68 24.88
C GLU B 209 7.57 -7.57 25.73
N ASN B 210 7.62 -7.77 27.05
CA ASN B 210 8.20 -6.82 28.01
C ASN B 210 7.40 -5.51 27.97
N GLY B 211 6.09 -5.64 27.79
CA GLY B 211 5.23 -4.49 27.61
C GLY B 211 5.09 -3.98 26.18
N VAL B 212 6.14 -4.08 25.37
CA VAL B 212 6.05 -3.81 23.95
C VAL B 212 5.10 -4.74 23.17
N PRO B 213 3.97 -4.20 22.66
CA PRO B 213 3.05 -4.93 21.77
C PRO B 213 3.71 -5.22 20.42
N TYR B 214 3.50 -6.43 19.87
CA TYR B 214 4.07 -6.76 18.55
C TYR B 214 3.18 -7.64 17.68
N TRP B 215 3.59 -7.79 16.42
CA TRP B 215 2.88 -8.63 15.48
C TRP B 215 3.82 -9.80 15.20
N LEU B 216 3.27 -11.01 15.13
CA LEU B 216 4.08 -12.17 14.80
C LEU B 216 4.07 -12.36 13.26
N VAL B 217 5.27 -12.29 12.66
CA VAL B 217 5.37 -12.17 11.20
C VAL B 217 6.30 -13.22 10.57
N ALA B 218 5.83 -13.87 9.52
CA ALA B 218 6.67 -14.79 8.75
C ALA B 218 7.39 -14.11 7.61
N ASN B 219 8.71 -14.01 7.69
CA ASN B 219 9.48 -13.65 6.50
C ASN B 219 9.62 -14.87 5.58
N SER B 220 9.94 -14.64 4.32
CA SER B 220 10.10 -15.69 3.35
C SER B 220 11.59 -15.83 2.95
N TRP B 221 12.47 -15.69 3.96
CA TRP B 221 13.93 -15.73 3.79
C TRP B 221 14.61 -16.98 4.38
N ASN B 222 13.88 -18.09 4.38
CA ASN B 222 14.30 -19.36 4.99
C ASN B 222 14.40 -19.26 6.50
N ALA B 223 14.63 -20.38 7.15
CA ALA B 223 14.43 -20.46 8.59
C ALA B 223 15.66 -20.09 9.37
N ASP B 224 16.76 -19.85 8.67
CA ASP B 224 17.97 -19.42 9.33
C ASP B 224 18.17 -17.90 9.37
N TRP B 225 17.33 -17.15 8.66
CA TRP B 225 17.27 -15.70 8.84
C TRP B 225 16.34 -15.40 10.03
N GLY B 226 16.75 -14.48 10.90
CA GLY B 226 15.92 -14.03 12.01
C GLY B 226 15.60 -15.09 13.05
N ASP B 227 14.44 -14.98 13.67
CA ASP B 227 14.07 -15.94 14.70
C ASP B 227 13.43 -17.19 14.09
N ASN B 228 14.27 -18.14 13.67
CA ASN B 228 13.81 -19.28 12.84
C ASN B 228 12.89 -18.79 11.69
N GLY B 229 13.26 -17.69 11.05
CA GLY B 229 12.51 -17.18 9.91
C GLY B 229 11.37 -16.23 10.21
N PHE B 230 10.89 -16.23 11.45
CA PHE B 230 9.81 -15.33 11.89
C PHE B 230 10.44 -14.03 12.45
N PHE B 231 9.68 -12.94 12.48
CA PHE B 231 10.06 -11.76 13.28
C PHE B 231 8.86 -11.15 13.99
N LYS B 232 9.15 -10.53 15.14
CA LYS B 232 8.16 -9.67 15.84
C LYS B 232 8.39 -8.17 15.52
N ILE B 233 7.33 -7.49 15.08
CA ILE B 233 7.45 -6.04 14.77
C ILE B 233 6.40 -5.35 15.62
N LEU B 234 6.81 -4.24 16.22
CA LEU B 234 5.97 -3.36 17.02
C LEU B 234 4.52 -3.15 16.50
N ARG B 235 3.53 -3.30 17.39
CA ARG B 235 2.12 -3.20 17.04
C ARG B 235 1.48 -1.91 17.56
N GLY B 236 0.57 -1.38 16.76
CA GLY B 236 -0.29 -0.29 17.19
C GLY B 236 0.14 1.11 16.78
N GLU B 237 1.26 1.23 16.09
CA GLU B 237 1.81 2.54 15.75
C GLU B 237 1.95 2.76 14.26
N ASN B 238 1.25 1.97 13.44
CA ASN B 238 1.60 1.93 12.03
C ASN B 238 3.10 1.92 11.80
N HIS B 239 3.86 1.31 12.73
CA HIS B 239 5.31 1.21 12.57
C HIS B 239 5.74 0.63 11.19
N CYS B 240 6.53 1.43 10.48
CA CYS B 240 6.94 1.22 9.08
C CYS B 240 5.83 0.76 8.18
N GLY B 241 4.66 1.31 8.42
CA GLY B 241 3.55 1.05 7.53
C GLY B 241 2.98 -0.33 7.62
N ILE B 242 3.23 -1.03 8.73
CA ILE B 242 2.82 -2.44 8.86
C ILE B 242 1.31 -2.65 9.01
N GLU B 243 0.61 -1.60 9.46
CA GLU B 243 -0.85 -1.62 9.54
C GLU B 243 -1.57 -0.96 8.39
N SER B 244 -0.80 -0.62 7.35
CA SER B 244 -1.33 0.13 6.20
C SER B 244 -1.73 -0.64 4.97
N GLU B 245 -1.16 -1.83 4.77
CA GLU B 245 -1.33 -2.58 3.51
C GLU B 245 -1.71 -4.05 3.69
N ILE B 246 -2.70 -4.27 4.54
CA ILE B 246 -3.25 -5.59 4.80
C ILE B 246 -4.30 -5.93 3.76
N VAL B 247 -4.10 -7.11 3.15
CA VAL B 247 -5.00 -7.69 2.15
C VAL B 247 -5.25 -9.16 2.54
N ALA B 248 -6.42 -9.65 2.20
CA ALA B 248 -6.77 -11.03 2.52
C ALA B 248 -7.91 -11.45 1.62
N GLY B 249 -8.60 -12.50 2.00
CA GLY B 249 -9.43 -13.20 1.05
C GLY B 249 -9.87 -14.58 1.59
N ILE B 250 -11.02 -15.01 1.09
CA ILE B 250 -11.70 -16.20 1.59
C ILE B 250 -11.78 -17.21 0.44
N PRO B 251 -11.36 -18.47 0.68
CA PRO B 251 -11.25 -19.45 -0.40
C PRO B 251 -12.60 -19.93 -0.98
N ARG B 252 -12.66 -20.27 -2.26
CA ARG B 252 -13.90 -20.85 -2.75
C ARG B 252 -13.96 -22.31 -2.31
N THR B 253 -14.74 -22.56 -1.26
CA THR B 253 -14.69 -23.83 -0.54
C THR B 253 -15.99 -24.63 -0.71
N1 PYS C . 5.45 12.06 -6.67
C2 PYS C . 4.39 12.56 -6.07
C3 PYS C . 3.13 12.34 -6.57
C4 PYS C . 2.94 11.64 -7.67
C5 PYS C . 4.00 11.14 -8.28
C6 PYS C . 5.23 11.37 -7.76
S2 PYS C . 4.58 13.45 -4.49
N1 PYS D . 10.16 -9.79 2.81
C2 PYS D . 10.98 -9.26 1.95
C3 PYS D . 11.83 -8.22 2.29
C4 PYS D . 11.78 -7.67 3.56
C5 PYS D . 10.87 -8.18 4.44
C6 PYS D . 10.10 -9.24 4.03
S2 PYS D . 11.02 -9.90 0.29
#